data_2ZY1
#
_entry.id   2ZY1
#
_cell.length_a   80.590
_cell.length_b   80.590
_cell.length_c   90.020
_cell.angle_alpha   90.00
_cell.angle_beta   90.00
_cell.angle_gamma   120.00
#
_symmetry.space_group_name_H-M   'P 32 2 1'
#
loop_
_entity.id
_entity.type
_entity.pdbx_description
1 polymer 'Dehydrosqualene synthase'
2 non-polymer 'dipotassium (2-oxo-2-{[3-(3-phenoxyphenyl)propyl]amino}ethyl)phosphonate'
3 water water
#
_entity_poly.entity_id   1
_entity_poly.type   'polypeptide(L)'
_entity_poly.pdbx_seq_one_letter_code
;AAAAAAMTMMDMNFKYCHKIMKKHSKSFSYAFDLLPEDQRKAVWAIYAVCRKIDDSIDVYGDIQFLNQIKEDIQSIEKYP
YEYHHFQSDRRIMMALQHVAQHKNIAFQSFYNLIDTVYKDQHFTMFETDAELFGYCYGVAGTVGEVLTPILSDHETHQTY
DVARRLGESLQLINILRDVGEDFENERIYFSKQRLKQYEVDIAEVYQNGVNNHYIDLWEYYAAIAEKDFRDVMDQIKVFS
IEAQPIIELAARIYIEILDEVRQANYTLHERVFVEKRKKAKLFHEINSKYHRI
;
_entity_poly.pdbx_strand_id   A
#
# COMPACT_ATOMS: atom_id res chain seq x y z
N MET A 7 28.57 -8.60 5.52
CA MET A 7 27.38 -7.75 5.87
C MET A 7 27.75 -6.61 6.83
N THR A 8 27.64 -5.38 6.35
CA THR A 8 27.90 -4.22 7.19
C THR A 8 26.68 -4.01 8.09
N MET A 9 26.80 -3.08 9.04
CA MET A 9 25.66 -2.86 9.91
C MET A 9 24.48 -2.30 9.10
N MET A 10 24.76 -1.39 8.18
CA MET A 10 23.70 -0.78 7.38
C MET A 10 23.07 -1.87 6.52
N ASP A 11 23.86 -2.84 6.05
CA ASP A 11 23.27 -3.91 5.26
C ASP A 11 22.31 -4.63 6.16
N MET A 12 22.68 -4.85 7.42
CA MET A 12 21.82 -5.56 8.35
C MET A 12 20.52 -4.78 8.53
N ASN A 13 20.61 -3.44 8.58
CA ASN A 13 19.38 -2.64 8.72
C ASN A 13 18.46 -2.84 7.51
N PHE A 14 19.03 -2.82 6.31
CA PHE A 14 18.19 -3.02 5.12
C PHE A 14 17.67 -4.45 5.03
N LYS A 15 18.47 -5.44 5.48
CA LYS A 15 17.99 -6.83 5.41
C LYS A 15 16.78 -6.97 6.31
N TYR A 16 16.83 -6.31 7.45
CA TYR A 16 15.69 -6.36 8.34
C TYR A 16 14.46 -5.69 7.69
N CYS A 17 14.67 -4.56 7.01
CA CYS A 17 13.54 -3.91 6.36
C CYS A 17 12.95 -4.87 5.31
N HIS A 18 13.84 -5.54 4.61
CA HIS A 18 13.46 -6.53 3.57
C HIS A 18 12.58 -7.62 4.21
N LYS A 19 13.02 -8.15 5.34
CA LYS A 19 12.28 -9.17 6.09
C LYS A 19 10.86 -8.73 6.41
N ILE A 20 10.69 -7.50 6.89
CA ILE A 20 9.38 -6.98 7.21
C ILE A 20 8.51 -6.87 5.95
N MET A 21 9.14 -6.44 4.85
CA MET A 21 8.37 -6.27 3.64
C MET A 21 7.94 -7.61 3.04
N LYS A 22 8.85 -8.57 3.03
CA LYS A 22 8.52 -9.89 2.49
C LYS A 22 7.49 -10.59 3.36
N LYS A 23 7.59 -10.38 4.66
CA LYS A 23 6.68 -10.98 5.62
C LYS A 23 5.25 -10.51 5.38
N HIS A 24 5.07 -9.20 5.20
CA HIS A 24 3.73 -8.69 5.02
C HIS A 24 3.14 -8.61 3.62
N SER A 25 3.97 -8.44 2.61
CA SER A 25 3.46 -8.39 1.25
C SER A 25 4.28 -9.19 0.29
N LYS A 26 3.94 -10.46 0.15
CA LYS A 26 4.63 -11.31 -0.77
C LYS A 26 4.50 -10.73 -2.17
N SER A 27 3.39 -10.03 -2.45
CA SER A 27 3.19 -9.48 -3.80
C SER A 27 4.15 -8.36 -4.10
N PHE A 28 4.22 -7.39 -3.21
CA PHE A 28 5.12 -6.27 -3.48
C PHE A 28 6.59 -6.65 -3.38
N SER A 29 6.95 -7.55 -2.47
CA SER A 29 8.34 -7.96 -2.41
C SER A 29 8.68 -8.74 -3.69
N TYR A 30 7.75 -9.59 -4.15
CA TYR A 30 8.01 -10.39 -5.37
C TYR A 30 8.42 -9.48 -6.52
N ALA A 31 7.67 -8.38 -6.70
CA ALA A 31 7.98 -7.45 -7.78
C ALA A 31 9.11 -6.49 -7.49
N PHE A 32 9.04 -5.78 -6.35
CA PHE A 32 10.10 -4.81 -6.09
C PHE A 32 11.49 -5.38 -5.87
N ASP A 33 11.59 -6.63 -5.44
CA ASP A 33 12.92 -7.21 -5.26
C ASP A 33 13.68 -7.33 -6.59
N LEU A 34 13.00 -7.13 -7.72
CA LEU A 34 13.62 -7.19 -9.08
C LEU A 34 14.30 -5.86 -9.46
N LEU A 35 14.11 -4.84 -8.63
CA LEU A 35 14.73 -3.57 -8.95
C LEU A 35 16.24 -3.63 -8.71
N PRO A 36 16.97 -2.70 -9.30
CA PRO A 36 18.42 -2.61 -9.13
C PRO A 36 18.63 -2.45 -7.60
N GLU A 37 19.77 -2.94 -7.13
CA GLU A 37 20.09 -2.93 -5.72
C GLU A 37 19.78 -1.66 -4.96
N ASP A 38 20.24 -0.52 -5.44
CA ASP A 38 20.04 0.73 -4.69
C ASP A 38 18.58 1.13 -4.56
N GLN A 39 17.80 0.83 -5.59
CA GLN A 39 16.40 1.21 -5.56
C GLN A 39 15.61 0.20 -4.74
N ARG A 40 15.90 -1.09 -4.86
CA ARG A 40 15.09 -2.00 -4.03
C ARG A 40 15.35 -1.77 -2.53
N LYS A 41 16.59 -1.44 -2.16
CA LYS A 41 16.90 -1.20 -0.76
C LYS A 41 16.08 -0.03 -0.25
N ALA A 42 15.99 1.04 -1.03
CA ALA A 42 15.18 2.19 -0.62
C ALA A 42 13.68 1.80 -0.50
N VAL A 43 13.18 0.98 -1.40
CA VAL A 43 11.78 0.54 -1.30
C VAL A 43 11.58 -0.27 -0.01
N TRP A 44 12.50 -1.19 0.30
CA TRP A 44 12.35 -1.96 1.54
C TRP A 44 12.26 -1.01 2.75
N ALA A 45 13.12 0.01 2.77
CA ALA A 45 13.11 0.91 3.92
C ALA A 45 11.78 1.69 4.04
N ILE A 46 11.30 2.24 2.94
CA ILE A 46 10.02 3.01 2.95
C ILE A 46 8.87 2.07 3.32
N TYR A 47 8.87 0.87 2.79
CA TYR A 47 7.78 -0.04 3.13
C TYR A 47 7.83 -0.43 4.63
N ALA A 48 9.03 -0.68 5.16
CA ALA A 48 9.18 -1.06 6.56
C ALA A 48 8.70 0.04 7.47
N VAL A 49 9.04 1.29 7.17
CA VAL A 49 8.58 2.40 8.00
C VAL A 49 7.05 2.48 7.91
N CYS A 50 6.49 2.37 6.70
CA CYS A 50 5.03 2.48 6.63
C CYS A 50 4.33 1.33 7.37
N ARG A 51 4.91 0.16 7.28
CA ARG A 51 4.34 -1.03 7.95
C ARG A 51 4.30 -0.80 9.48
N LYS A 52 5.38 -0.25 10.03
CA LYS A 52 5.46 -0.01 11.47
C LYS A 52 4.44 1.01 11.91
N ILE A 53 4.27 2.04 11.08
CA ILE A 53 3.29 3.07 11.35
C ILE A 53 1.90 2.44 11.28
N ASP A 54 1.64 1.66 10.23
CA ASP A 54 0.31 1.08 10.04
C ASP A 54 -0.07 0.21 11.22
N ASP A 55 0.90 -0.49 11.79
CA ASP A 55 0.58 -1.45 12.84
C ASP A 55 0.78 -1.01 14.26
N SER A 56 1.32 0.19 14.42
CA SER A 56 1.67 0.73 15.74
C SER A 56 0.63 0.68 16.88
N ILE A 57 -0.61 1.04 16.61
CA ILE A 57 -1.61 1.08 17.65
C ILE A 57 -1.96 -0.24 18.36
N ILE A 63 -0.65 5.04 21.77
CA ILE A 63 -0.07 5.78 20.66
C ILE A 63 1.41 6.10 20.90
N GLN A 64 2.00 5.56 21.94
CA GLN A 64 3.39 5.89 22.22
C GLN A 64 4.40 5.61 21.10
N PHE A 65 4.37 4.42 20.54
CA PHE A 65 5.32 4.08 19.49
C PHE A 65 5.08 4.94 18.27
N LEU A 66 3.81 5.19 17.95
CA LEU A 66 3.53 6.04 16.80
C LEU A 66 4.10 7.45 16.99
N ASN A 67 3.97 8.03 18.20
CA ASN A 67 4.52 9.35 18.42
C ASN A 67 6.06 9.32 18.24
N GLN A 68 6.69 8.23 18.69
CA GLN A 68 8.13 8.07 18.61
C GLN A 68 8.56 8.04 17.14
N ILE A 69 7.81 7.26 16.33
CA ILE A 69 8.11 7.16 14.88
C ILE A 69 8.02 8.55 14.27
N LYS A 70 6.96 9.30 14.58
CA LYS A 70 6.87 10.63 14.03
C LYS A 70 8.05 11.52 14.44
N GLU A 71 8.45 11.45 15.71
CA GLU A 71 9.59 12.32 16.11
C GLU A 71 10.90 11.93 15.42
N ASP A 72 11.10 10.62 15.24
CA ASP A 72 12.27 10.10 14.54
C ASP A 72 12.29 10.61 13.12
N ILE A 73 11.15 10.55 12.42
CA ILE A 73 11.10 11.05 11.05
C ILE A 73 11.35 12.54 11.01
N GLN A 74 10.79 13.26 11.97
CA GLN A 74 10.97 14.68 12.04
C GLN A 74 12.46 15.00 12.21
N SER A 75 13.15 14.18 13.00
CA SER A 75 14.61 14.39 13.18
C SER A 75 15.41 14.22 11.90
N ILE A 76 14.99 13.24 11.09
CA ILE A 76 15.70 12.97 9.88
C ILE A 76 15.46 14.10 8.92
N GLU A 77 14.20 14.57 8.86
CA GLU A 77 13.85 15.67 7.97
C GLU A 77 14.66 16.94 8.31
N LYS A 78 14.69 17.27 9.57
CA LYS A 78 15.37 18.52 9.99
C LYS A 78 16.91 18.47 9.93
N TYR A 79 17.48 17.34 10.34
CA TYR A 79 18.93 17.14 10.37
C TYR A 79 19.27 15.77 9.77
N PRO A 80 19.19 15.65 8.45
CA PRO A 80 19.48 14.37 7.78
C PRO A 80 20.91 13.83 7.93
N TYR A 81 21.86 14.72 8.20
CA TYR A 81 23.26 14.34 8.37
C TYR A 81 23.79 14.36 9.80
N GLU A 82 22.92 14.40 10.80
CA GLU A 82 23.36 14.32 12.18
C GLU A 82 22.99 12.94 12.70
N TYR A 83 23.72 12.47 13.71
CA TYR A 83 23.43 11.17 14.29
C TYR A 83 22.30 11.33 15.24
N HIS A 84 21.33 10.44 15.13
CA HIS A 84 20.17 10.47 15.99
C HIS A 84 20.03 9.21 16.82
N HIS A 85 19.65 9.37 18.09
CA HIS A 85 19.36 8.23 18.94
C HIS A 85 17.85 8.06 18.74
N PHE A 86 17.51 7.24 17.77
CA PHE A 86 16.08 7.03 17.44
C PHE A 86 15.29 6.39 18.59
N GLN A 87 14.04 6.85 18.77
CA GLN A 87 13.19 6.33 19.84
C GLN A 87 12.34 5.15 19.42
N SER A 88 12.03 5.03 18.12
CA SER A 88 11.15 3.93 17.70
C SER A 88 11.84 2.63 17.32
N ASP A 89 12.12 2.40 16.04
CA ASP A 89 12.80 1.19 15.60
C ASP A 89 14.09 1.69 14.95
N ARG A 90 15.21 1.56 15.66
CA ARG A 90 16.49 2.06 15.12
C ARG A 90 16.91 1.51 13.77
N ARG A 91 16.74 0.21 13.57
CA ARG A 91 17.17 -0.40 12.29
C ARG A 91 16.44 0.25 11.11
N ILE A 92 15.13 0.41 11.25
CA ILE A 92 14.37 1.02 10.16
C ILE A 92 14.72 2.48 10.00
N MET A 93 14.84 3.22 11.10
CA MET A 93 15.12 4.65 10.93
C MET A 93 16.52 4.91 10.38
N MET A 94 17.48 4.07 10.75
CA MET A 94 18.86 4.24 10.23
C MET A 94 18.82 4.04 8.72
N ALA A 95 18.03 3.07 8.30
CA ALA A 95 17.91 2.79 6.86
C ALA A 95 17.16 3.94 6.16
N LEU A 96 16.06 4.44 6.77
CA LEU A 96 15.33 5.55 6.16
C LEU A 96 16.24 6.78 6.04
N GLN A 97 17.03 7.01 7.08
CA GLN A 97 17.92 8.16 7.07
C GLN A 97 18.95 8.03 5.95
N HIS A 98 19.45 6.81 5.74
CA HIS A 98 20.44 6.55 4.66
C HIS A 98 19.81 6.90 3.34
N VAL A 99 18.56 6.47 3.14
CA VAL A 99 17.87 6.81 1.92
C VAL A 99 17.72 8.33 1.79
N ALA A 100 17.34 8.99 2.89
CA ALA A 100 17.06 10.43 2.85
C ALA A 100 18.30 11.22 2.47
N GLN A 101 19.44 10.63 2.74
CA GLN A 101 20.71 11.31 2.43
C GLN A 101 21.05 11.22 0.94
N HIS A 102 20.34 10.38 0.20
CA HIS A 102 20.60 10.21 -1.24
C HIS A 102 19.42 10.53 -2.15
N LYS A 103 18.21 10.52 -1.59
CA LYS A 103 17.02 10.77 -2.38
C LYS A 103 16.10 11.77 -1.71
N ASN A 104 15.21 12.38 -2.48
CA ASN A 104 14.29 13.32 -1.91
C ASN A 104 13.19 12.52 -1.27
N ILE A 105 12.94 12.77 -0.01
CA ILE A 105 11.87 12.08 0.69
C ILE A 105 10.73 13.07 0.97
N ALA A 106 9.50 12.68 0.58
CA ALA A 106 8.31 13.49 0.79
C ALA A 106 7.89 13.29 2.23
N PHE A 107 8.49 14.03 3.13
CA PHE A 107 8.18 13.84 4.54
C PHE A 107 6.73 14.13 4.90
N GLN A 108 6.13 15.14 4.29
CA GLN A 108 4.74 15.48 4.62
C GLN A 108 3.84 14.31 4.30
N SER A 109 4.25 13.47 3.36
CA SER A 109 3.43 12.29 3.02
C SER A 109 3.50 11.28 4.18
N PHE A 110 4.67 11.14 4.80
CA PHE A 110 4.71 10.26 5.97
C PHE A 110 3.84 10.90 7.07
N TYR A 111 3.85 12.23 7.22
CA TYR A 111 3.04 12.79 8.33
C TYR A 111 1.55 12.64 8.05
N ASN A 112 1.20 12.63 6.76
CA ASN A 112 -0.22 12.44 6.39
C ASN A 112 -0.63 11.02 6.74
N LEU A 113 0.26 10.07 6.53
CA LEU A 113 -0.02 8.68 6.85
C LEU A 113 -0.16 8.52 8.37
N ILE A 114 0.77 9.12 9.13
CA ILE A 114 0.71 9.02 10.59
C ILE A 114 -0.60 9.65 11.10
N ASP A 115 -0.97 10.78 10.54
CA ASP A 115 -2.20 11.47 10.97
C ASP A 115 -3.42 10.59 10.71
N THR A 116 -3.38 9.86 9.60
CA THR A 116 -4.49 9.01 9.22
C THR A 116 -4.58 7.87 10.19
N VAL A 117 -3.43 7.28 10.56
CA VAL A 117 -3.47 6.14 11.47
C VAL A 117 -3.91 6.58 12.85
N TYR A 118 -3.56 7.80 13.26
CA TYR A 118 -4.00 8.34 14.58
C TYR A 118 -5.53 8.43 14.65
N LYS A 119 -6.13 9.07 13.63
CA LYS A 119 -7.59 9.28 13.53
C LYS A 119 -8.33 7.97 13.62
N ASP A 120 -7.75 6.98 12.98
CA ASP A 120 -8.31 5.66 12.93
C ASP A 120 -8.50 5.05 14.32
N GLN A 121 -7.97 5.70 15.35
CA GLN A 121 -8.15 5.21 16.73
C GLN A 121 -9.64 5.36 17.07
N HIS A 122 -10.20 6.51 16.74
CA HIS A 122 -11.59 6.77 17.02
C HIS A 122 -12.31 6.52 15.72
N PHE A 123 -12.12 5.32 15.18
CA PHE A 123 -12.75 4.95 13.92
C PHE A 123 -14.25 5.07 13.94
N THR A 124 -14.78 5.65 12.87
CA THR A 124 -16.20 5.77 12.69
C THR A 124 -16.32 5.42 11.22
N MET A 125 -17.39 4.72 10.87
CA MET A 125 -17.59 4.32 9.48
C MET A 125 -17.58 5.53 8.61
N PHE A 126 -17.20 5.36 7.36
CA PHE A 126 -17.18 6.47 6.45
C PHE A 126 -18.60 6.81 6.01
N GLU A 127 -18.94 8.09 6.08
CA GLU A 127 -20.25 8.54 5.66
C GLU A 127 -20.45 8.40 4.16
N THR A 128 -19.44 8.76 3.37
CA THR A 128 -19.53 8.68 1.91
C THR A 128 -18.26 8.14 1.28
N ASP A 129 -18.33 7.85 -0.02
CA ASP A 129 -17.17 7.33 -0.73
C ASP A 129 -16.00 8.31 -0.71
N ALA A 130 -16.32 9.60 -0.62
CA ALA A 130 -15.28 10.62 -0.57
C ALA A 130 -14.40 10.43 0.64
N GLU A 131 -14.98 10.04 1.77
CA GLU A 131 -14.17 9.81 2.99
C GLU A 131 -13.40 8.50 2.83
N LEU A 132 -14.03 7.49 2.23
CA LEU A 132 -13.32 6.22 2.00
C LEU A 132 -12.10 6.52 1.10
N PHE A 133 -12.31 7.22 -0.01
CA PHE A 133 -11.16 7.54 -0.88
C PHE A 133 -10.12 8.42 -0.16
N GLY A 134 -10.56 9.31 0.73
CA GLY A 134 -9.61 10.13 1.52
C GLY A 134 -8.74 9.23 2.38
N TYR A 135 -9.36 8.18 2.89
CA TYR A 135 -8.64 7.20 3.69
C TYR A 135 -7.64 6.43 2.81
N CYS A 136 -8.05 6.06 1.58
CA CYS A 136 -7.14 5.34 0.68
C CYS A 136 -5.95 6.25 0.36
N TYR A 137 -6.20 7.55 0.23
CA TYR A 137 -5.05 8.45 -0.01
C TYR A 137 -4.16 8.41 1.26
N GLY A 138 -4.76 8.61 2.44
CA GLY A 138 -3.97 8.65 3.67
C GLY A 138 -3.07 7.45 3.94
N VAL A 139 -3.57 6.23 3.70
CA VAL A 139 -2.73 5.08 4.02
C VAL A 139 -1.96 4.46 2.87
N ALA A 140 -2.24 4.91 1.65
CA ALA A 140 -1.60 4.28 0.49
C ALA A 140 -1.17 5.27 -0.62
N GLY A 141 -2.00 6.26 -0.90
CA GLY A 141 -1.64 7.30 -1.89
C GLY A 141 -0.35 7.97 -1.37
N THR A 142 -0.28 8.16 -0.05
CA THR A 142 0.91 8.73 0.62
C THR A 142 2.16 7.88 0.36
N VAL A 143 2.04 6.56 0.47
CA VAL A 143 3.20 5.67 0.22
C VAL A 143 3.61 5.80 -1.25
N GLY A 144 2.64 5.89 -2.16
CA GLY A 144 2.97 6.12 -3.57
C GLY A 144 3.77 7.41 -3.74
N GLU A 145 3.40 8.47 -3.02
CA GLU A 145 4.15 9.75 -3.13
C GLU A 145 5.58 9.59 -2.60
N VAL A 146 5.72 8.86 -1.50
CA VAL A 146 7.06 8.69 -0.91
C VAL A 146 7.92 7.89 -1.87
N LEU A 147 7.34 6.86 -2.50
CA LEU A 147 8.11 6.04 -3.44
C LEU A 147 8.48 6.71 -4.77
N THR A 148 7.75 7.77 -5.11
CA THR A 148 7.93 8.43 -6.40
C THR A 148 9.36 8.71 -6.83
N PRO A 149 10.20 9.35 -5.97
CA PRO A 149 11.59 9.64 -6.34
C PRO A 149 12.47 8.41 -6.53
N ILE A 150 12.09 7.29 -5.91
CA ILE A 150 12.88 6.07 -6.06
C ILE A 150 12.58 5.43 -7.43
N LEU A 151 11.32 5.54 -7.83
CA LEU A 151 10.84 4.92 -9.06
C LEU A 151 10.91 5.74 -10.33
N SER A 152 11.42 6.95 -10.25
CA SER A 152 11.46 7.80 -11.45
C SER A 152 12.74 8.60 -11.48
N ASP A 153 13.18 8.97 -12.67
CA ASP A 153 14.42 9.72 -12.83
C ASP A 153 14.24 11.21 -12.61
N HIS A 154 13.17 11.75 -13.17
CA HIS A 154 12.89 13.18 -13.05
C HIS A 154 11.44 13.43 -12.68
N GLU A 155 11.15 13.30 -11.40
CA GLU A 155 9.84 13.47 -10.82
C GLU A 155 9.13 14.76 -11.23
N THR A 156 7.89 14.64 -11.69
CA THR A 156 7.08 15.82 -12.05
C THR A 156 5.76 15.64 -11.31
N HIS A 157 4.86 16.62 -11.35
CA HIS A 157 3.60 16.43 -10.65
C HIS A 157 2.87 15.19 -11.20
N GLN A 158 3.08 14.91 -12.48
CA GLN A 158 2.43 13.76 -13.10
C GLN A 158 2.92 12.43 -12.50
N THR A 159 4.21 12.36 -12.19
CA THR A 159 4.78 11.14 -11.62
C THR A 159 4.10 10.88 -10.27
N TYR A 160 4.00 11.93 -9.45
CA TYR A 160 3.36 11.79 -8.14
C TYR A 160 1.91 11.43 -8.30
N ASP A 161 1.24 12.07 -9.26
CA ASP A 161 -0.17 11.80 -9.46
C ASP A 161 -0.41 10.34 -9.80
N VAL A 162 0.40 9.80 -10.70
CA VAL A 162 0.22 8.41 -11.09
C VAL A 162 0.55 7.44 -9.93
N ALA A 163 1.61 7.73 -9.17
CA ALA A 163 2.01 6.86 -8.07
C ALA A 163 0.93 6.89 -6.99
N ARG A 164 0.39 8.09 -6.78
CA ARG A 164 -0.60 8.27 -5.72
C ARG A 164 -1.86 7.50 -6.14
N ARG A 165 -2.27 7.61 -7.40
CA ARG A 165 -3.45 6.91 -7.88
C ARG A 165 -3.27 5.38 -7.78
N LEU A 166 -2.09 4.89 -8.13
CA LEU A 166 -1.85 3.45 -8.06
C LEU A 166 -1.97 2.99 -6.61
N GLY A 167 -1.36 3.73 -5.69
CA GLY A 167 -1.42 3.39 -4.29
C GLY A 167 -2.85 3.33 -3.82
N GLU A 168 -3.68 4.28 -4.21
CA GLU A 168 -5.06 4.25 -3.74
C GLU A 168 -5.85 3.10 -4.34
N SER A 169 -5.53 2.76 -5.56
CA SER A 169 -6.19 1.65 -6.22
C SER A 169 -5.84 0.32 -5.50
N LEU A 170 -4.58 0.18 -5.10
CA LEU A 170 -4.10 -1.03 -4.43
C LEU A 170 -4.75 -1.09 -3.07
N GLN A 171 -4.92 0.05 -2.39
CA GLN A 171 -5.60 0.00 -1.08
C GLN A 171 -7.07 -0.44 -1.27
N LEU A 172 -7.75 0.02 -2.33
CA LEU A 172 -9.14 -0.39 -2.53
C LEU A 172 -9.21 -1.91 -2.81
N ILE A 173 -8.24 -2.46 -3.56
CA ILE A 173 -8.19 -3.92 -3.82
C ILE A 173 -7.99 -4.63 -2.47
N ASN A 174 -7.11 -4.07 -1.65
CA ASN A 174 -6.90 -4.64 -0.33
C ASN A 174 -8.21 -4.72 0.49
N ILE A 175 -8.93 -3.61 0.52
CA ILE A 175 -10.22 -3.53 1.25
C ILE A 175 -11.17 -4.56 0.69
N LEU A 176 -11.16 -4.69 -0.64
CA LEU A 176 -12.06 -5.64 -1.31
C LEU A 176 -11.71 -7.10 -0.96
N ARG A 177 -10.43 -7.39 -0.70
CA ARG A 177 -10.02 -8.74 -0.31
C ARG A 177 -10.35 -9.03 1.16
N ASP A 178 -10.38 -7.99 1.97
CA ASP A 178 -10.49 -8.22 3.40
C ASP A 178 -11.77 -7.87 4.12
N VAL A 179 -12.86 -7.80 3.40
CA VAL A 179 -14.12 -7.42 4.02
C VAL A 179 -14.43 -8.25 5.25
N GLY A 180 -14.31 -9.56 5.10
CA GLY A 180 -14.62 -10.51 6.19
C GLY A 180 -13.77 -10.32 7.43
N GLU A 181 -12.46 -10.35 7.22
CA GLU A 181 -11.52 -10.18 8.30
C GLU A 181 -11.63 -8.81 8.94
N ASP A 182 -11.88 -7.77 8.14
CA ASP A 182 -12.06 -6.45 8.70
C ASP A 182 -13.35 -6.45 9.55
N PHE A 183 -14.43 -7.08 9.08
CA PHE A 183 -15.65 -7.08 9.88
C PHE A 183 -15.39 -7.75 11.25
N GLU A 184 -14.65 -8.87 11.26
CA GLU A 184 -14.32 -9.53 12.53
C GLU A 184 -13.59 -8.54 13.45
N ASN A 185 -12.84 -7.62 12.85
CA ASN A 185 -12.09 -6.67 13.63
C ASN A 185 -12.80 -5.36 13.86
N GLU A 186 -14.14 -5.46 13.78
CA GLU A 186 -15.03 -4.35 14.04
C GLU A 186 -14.82 -3.17 13.12
N ARG A 187 -14.44 -3.45 11.90
CA ARG A 187 -14.22 -2.37 10.93
C ARG A 187 -14.94 -2.66 9.62
N ILE A 188 -15.62 -1.66 9.06
CA ILE A 188 -16.27 -1.77 7.74
C ILE A 188 -15.78 -0.53 6.97
N TYR A 189 -15.23 -0.74 5.78
CA TYR A 189 -14.67 0.35 4.96
C TYR A 189 -15.60 0.84 3.85
N PHE A 190 -16.59 0.03 3.45
CA PHE A 190 -17.56 0.47 2.44
C PHE A 190 -18.28 1.66 3.10
N SER A 191 -18.69 2.65 2.30
CA SER A 191 -19.33 3.83 2.89
C SER A 191 -20.78 3.57 3.28
N LYS A 192 -21.23 4.25 4.32
CA LYS A 192 -22.64 4.10 4.73
C LYS A 192 -23.57 4.49 3.57
N GLN A 193 -23.23 5.54 2.83
CA GLN A 193 -24.04 5.94 1.69
C GLN A 193 -24.23 4.80 0.70
N ARG A 194 -23.13 4.18 0.31
CA ARG A 194 -23.17 3.11 -0.66
C ARG A 194 -23.84 1.83 -0.11
N LEU A 195 -23.62 1.51 1.16
CA LEU A 195 -24.23 0.35 1.82
C LEU A 195 -25.75 0.55 1.81
N LYS A 196 -26.19 1.76 2.11
CA LYS A 196 -27.63 2.08 2.14
C LYS A 196 -28.21 2.03 0.73
N GLN A 197 -27.53 2.64 -0.22
CA GLN A 197 -28.01 2.64 -1.59
C GLN A 197 -28.15 1.23 -2.11
N TYR A 198 -27.17 0.38 -1.86
CA TYR A 198 -27.22 -1.01 -2.34
C TYR A 198 -27.94 -1.96 -1.38
N GLU A 199 -28.43 -1.45 -0.25
CA GLU A 199 -29.15 -2.30 0.73
C GLU A 199 -28.35 -3.52 1.19
N VAL A 200 -27.14 -3.25 1.67
CA VAL A 200 -26.22 -4.28 2.15
C VAL A 200 -25.91 -4.08 3.61
N ASP A 201 -25.96 -5.15 4.39
CA ASP A 201 -25.62 -5.04 5.80
C ASP A 201 -24.50 -6.04 5.93
N ILE A 202 -23.28 -5.56 6.16
CA ILE A 202 -22.16 -6.48 6.25
C ILE A 202 -22.31 -7.60 7.29
N ALA A 203 -22.82 -7.29 8.48
CA ALA A 203 -22.99 -8.31 9.51
C ALA A 203 -23.94 -9.40 8.99
N GLU A 204 -25.00 -8.98 8.31
CA GLU A 204 -25.99 -9.94 7.79
C GLU A 204 -25.32 -10.84 6.75
N VAL A 205 -24.52 -10.25 5.87
CA VAL A 205 -23.80 -11.02 4.85
C VAL A 205 -22.72 -11.93 5.48
N TYR A 206 -22.00 -11.45 6.50
CA TYR A 206 -20.98 -12.26 7.13
C TYR A 206 -21.67 -13.52 7.68
N GLN A 207 -22.88 -13.33 8.19
CA GLN A 207 -23.67 -14.42 8.78
C GLN A 207 -24.25 -15.37 7.74
N ASN A 208 -24.95 -14.83 6.77
CA ASN A 208 -25.66 -15.65 5.78
C ASN A 208 -25.11 -15.94 4.41
N GLY A 209 -23.99 -15.32 4.05
CA GLY A 209 -23.45 -15.56 2.74
C GLY A 209 -23.68 -14.35 1.85
N VAL A 210 -23.07 -14.37 0.67
CA VAL A 210 -23.23 -13.26 -0.25
C VAL A 210 -24.61 -13.33 -0.91
N ASN A 211 -25.11 -12.19 -1.33
CA ASN A 211 -26.36 -12.10 -2.03
C ASN A 211 -26.09 -11.15 -3.21
N ASN A 212 -27.09 -10.88 -4.03
CA ASN A 212 -26.84 -10.04 -5.19
C ASN A 212 -26.58 -8.61 -4.85
N HIS A 213 -27.19 -8.11 -3.79
CA HIS A 213 -26.97 -6.75 -3.36
C HIS A 213 -25.49 -6.62 -3.00
N TYR A 214 -25.00 -7.51 -2.16
CA TYR A 214 -23.59 -7.43 -1.77
C TYR A 214 -22.65 -7.54 -2.99
N ILE A 215 -22.88 -8.54 -3.84
CA ILE A 215 -22.02 -8.67 -5.00
C ILE A 215 -22.05 -7.39 -5.86
N ASP A 216 -23.22 -6.80 -6.10
CA ASP A 216 -23.26 -5.60 -6.93
C ASP A 216 -22.45 -4.47 -6.28
N LEU A 217 -22.51 -4.36 -4.96
CA LEU A 217 -21.77 -3.30 -4.26
C LEU A 217 -20.26 -3.53 -4.34
N TRP A 218 -19.85 -4.77 -4.14
CA TRP A 218 -18.43 -5.12 -4.21
C TRP A 218 -17.97 -4.85 -5.63
N GLU A 219 -18.78 -5.24 -6.62
CA GLU A 219 -18.39 -4.99 -8.01
C GLU A 219 -18.39 -3.51 -8.36
N TYR A 220 -19.21 -2.71 -7.69
CA TYR A 220 -19.20 -1.27 -7.92
C TYR A 220 -17.79 -0.78 -7.53
N TYR A 221 -17.27 -1.16 -6.36
CA TYR A 221 -15.90 -0.71 -5.99
C TYR A 221 -14.79 -1.34 -6.84
N ALA A 222 -14.94 -2.60 -7.20
CA ALA A 222 -13.94 -3.24 -8.02
C ALA A 222 -13.79 -2.51 -9.35
N ALA A 223 -14.91 -2.03 -9.90
CA ALA A 223 -14.80 -1.36 -11.23
C ALA A 223 -14.01 -0.07 -11.10
N ILE A 224 -14.16 0.59 -9.97
CA ILE A 224 -13.44 1.82 -9.71
C ILE A 224 -11.94 1.48 -9.64
N ALA A 225 -11.58 0.47 -8.86
CA ALA A 225 -10.16 0.11 -8.75
C ALA A 225 -9.56 -0.32 -10.06
N GLU A 226 -10.34 -1.05 -10.87
CA GLU A 226 -9.85 -1.51 -12.17
C GLU A 226 -9.64 -0.37 -13.14
N LYS A 227 -10.54 0.62 -13.10
CA LYS A 227 -10.45 1.77 -13.98
C LYS A 227 -9.19 2.55 -13.62
N ASP A 228 -8.96 2.78 -12.33
CA ASP A 228 -7.77 3.49 -11.89
C ASP A 228 -6.52 2.73 -12.30
N PHE A 229 -6.58 1.41 -12.17
CA PHE A 229 -5.45 0.57 -12.58
C PHE A 229 -5.14 0.77 -14.07
N ARG A 230 -6.16 0.82 -14.90
CA ARG A 230 -5.92 1.00 -16.34
C ARG A 230 -5.35 2.39 -16.62
N ASP A 231 -5.84 3.41 -15.94
CA ASP A 231 -5.30 4.73 -16.19
C ASP A 231 -3.84 4.81 -15.78
N VAL A 232 -3.46 4.12 -14.71
CA VAL A 232 -2.06 4.10 -14.30
C VAL A 232 -1.22 3.34 -15.35
N MET A 233 -1.67 2.17 -15.78
CA MET A 233 -0.87 1.47 -16.78
C MET A 233 -0.66 2.34 -18.02
N ASP A 234 -1.64 3.17 -18.34
CA ASP A 234 -1.60 4.06 -19.50
C ASP A 234 -0.51 5.11 -19.38
N GLN A 235 -0.19 5.47 -18.14
CA GLN A 235 0.83 6.47 -17.86
C GLN A 235 2.10 5.87 -17.21
N ILE A 236 2.36 4.59 -17.44
CA ILE A 236 3.50 3.93 -16.80
C ILE A 236 4.81 4.54 -17.21
N LYS A 237 4.84 5.21 -18.36
CA LYS A 237 6.11 5.79 -18.79
C LYS A 237 6.64 6.96 -17.95
N VAL A 238 5.86 7.45 -16.99
CA VAL A 238 6.39 8.52 -16.12
C VAL A 238 7.48 7.94 -15.25
N PHE A 239 7.48 6.62 -15.09
CA PHE A 239 8.47 5.97 -14.23
C PHE A 239 9.73 5.63 -15.01
N SER A 240 10.83 5.36 -14.29
CA SER A 240 12.11 5.00 -14.93
C SER A 240 11.96 3.74 -15.77
N ILE A 241 12.79 3.60 -16.80
CA ILE A 241 12.68 2.43 -17.66
C ILE A 241 12.85 1.11 -16.88
N GLU A 242 13.74 1.09 -15.87
CA GLU A 242 13.94 -0.12 -15.06
C GLU A 242 12.72 -0.42 -14.19
N ALA A 243 12.11 0.62 -13.65
CA ALA A 243 10.95 0.43 -12.77
C ALA A 243 9.65 0.09 -13.49
N GLN A 244 9.46 0.57 -14.71
CA GLN A 244 8.20 0.29 -15.42
C GLN A 244 7.65 -1.14 -15.39
N PRO A 245 8.43 -2.13 -15.87
CA PRO A 245 7.88 -3.50 -15.82
C PRO A 245 7.62 -4.00 -14.40
N ILE A 246 8.43 -3.51 -13.46
CA ILE A 246 8.31 -3.90 -12.07
C ILE A 246 7.01 -3.35 -11.45
N ILE A 247 6.68 -2.10 -11.76
CA ILE A 247 5.48 -1.47 -11.24
C ILE A 247 4.31 -2.15 -11.92
N GLU A 248 4.45 -2.43 -13.20
CA GLU A 248 3.36 -3.12 -13.88
C GLU A 248 3.15 -4.49 -13.23
N LEU A 249 4.23 -5.16 -12.90
CA LEU A 249 4.12 -6.49 -12.27
C LEU A 249 3.45 -6.38 -10.89
N ALA A 250 3.91 -5.45 -10.06
CA ALA A 250 3.31 -5.28 -8.75
C ALA A 250 1.80 -5.03 -8.85
N ALA A 251 1.41 -4.10 -9.72
CA ALA A 251 0.01 -3.75 -9.91
C ALA A 251 -0.81 -4.95 -10.43
N ARG A 252 -0.25 -5.66 -11.41
CA ARG A 252 -0.98 -6.80 -12.00
C ARG A 252 -1.19 -7.92 -11.03
N ILE A 253 -0.15 -8.22 -10.25
CA ILE A 253 -0.22 -9.28 -9.25
C ILE A 253 -1.27 -8.89 -8.22
N TYR A 254 -1.29 -7.61 -7.84
CA TYR A 254 -2.24 -7.23 -6.82
C TYR A 254 -3.65 -7.22 -7.36
N ILE A 255 -3.83 -6.73 -8.57
CA ILE A 255 -5.20 -6.68 -9.06
C ILE A 255 -5.78 -8.06 -9.39
N GLU A 256 -4.91 -9.05 -9.50
CA GLU A 256 -5.35 -10.45 -9.76
C GLU A 256 -6.15 -10.90 -8.51
N ILE A 257 -5.89 -10.27 -7.34
CA ILE A 257 -6.67 -10.58 -6.15
C ILE A 257 -8.18 -10.42 -6.41
N LEU A 258 -8.56 -9.46 -7.26
CA LEU A 258 -9.99 -9.26 -7.53
C LEU A 258 -10.57 -10.53 -8.17
N ASP A 259 -9.86 -11.09 -9.15
CA ASP A 259 -10.39 -12.33 -9.75
C ASP A 259 -10.37 -13.49 -8.74
N GLU A 260 -9.36 -13.54 -7.89
CA GLU A 260 -9.34 -14.56 -6.86
C GLU A 260 -10.53 -14.39 -5.92
N VAL A 261 -10.98 -13.16 -5.67
CA VAL A 261 -12.10 -13.01 -4.75
C VAL A 261 -13.34 -13.57 -5.46
N ARG A 262 -13.44 -13.25 -6.74
CA ARG A 262 -14.58 -13.70 -7.54
C ARG A 262 -14.62 -15.21 -7.59
N GLN A 263 -13.47 -15.83 -7.86
CA GLN A 263 -13.41 -17.30 -7.91
C GLN A 263 -13.76 -18.00 -6.58
N ALA A 264 -13.61 -17.30 -5.45
CA ALA A 264 -13.94 -17.86 -4.14
C ALA A 264 -15.35 -17.44 -3.71
N ASN A 265 -16.12 -16.96 -4.68
CA ASN A 265 -17.48 -16.52 -4.46
C ASN A 265 -17.64 -15.42 -3.43
N TYR A 266 -16.71 -14.48 -3.45
CA TYR A 266 -16.71 -13.31 -2.58
C TYR A 266 -16.73 -13.68 -1.12
N THR A 267 -16.10 -14.81 -0.79
CA THR A 267 -16.12 -15.26 0.61
C THR A 267 -15.69 -14.24 1.69
N LEU A 268 -16.45 -14.15 2.78
CA LEU A 268 -16.09 -13.27 3.88
C LEU A 268 -15.41 -14.07 4.96
N HIS A 269 -15.06 -15.30 4.62
CA HIS A 269 -14.47 -16.14 5.64
C HIS A 269 -13.05 -16.65 5.44
N GLU A 270 -12.39 -16.21 4.38
CA GLU A 270 -11.00 -16.59 4.15
C GLU A 270 -10.35 -15.43 3.45
N ARG A 271 -9.02 -15.38 3.51
CA ARG A 271 -8.26 -14.38 2.77
C ARG A 271 -7.78 -15.09 1.48
N VAL A 272 -8.28 -14.67 0.32
CA VAL A 272 -7.84 -15.27 -0.94
C VAL A 272 -6.43 -14.79 -1.26
N PHE A 273 -5.79 -15.44 -2.21
CA PHE A 273 -4.41 -15.06 -2.55
C PHE A 273 -4.04 -15.52 -3.95
N VAL A 274 -3.06 -14.82 -4.51
CA VAL A 274 -2.54 -15.14 -5.82
C VAL A 274 -1.34 -16.06 -5.55
N GLU A 275 -1.41 -17.33 -5.93
CA GLU A 275 -0.27 -18.18 -5.62
C GLU A 275 1.01 -17.75 -6.33
N LYS A 276 2.14 -18.11 -5.73
CA LYS A 276 3.42 -17.75 -6.30
C LYS A 276 3.58 -18.15 -7.78
N ARG A 277 3.06 -19.32 -8.15
CA ARG A 277 3.21 -19.76 -9.54
C ARG A 277 2.49 -18.83 -10.51
N LYS A 278 1.40 -18.20 -10.04
CA LYS A 278 0.63 -17.29 -10.86
C LYS A 278 1.38 -15.96 -10.93
N LYS A 279 2.05 -15.56 -9.86
CA LYS A 279 2.83 -14.33 -9.91
C LYS A 279 3.90 -14.48 -10.95
N ALA A 280 4.53 -15.66 -10.97
CA ALA A 280 5.60 -15.92 -11.95
C ALA A 280 5.04 -15.88 -13.39
N LYS A 281 3.82 -16.37 -13.55
CA LYS A 281 3.19 -16.32 -14.89
C LYS A 281 3.04 -14.86 -15.34
N LEU A 282 2.57 -14.01 -14.43
CA LEU A 282 2.42 -12.59 -14.76
C LEU A 282 3.79 -11.95 -15.06
N PHE A 283 4.82 -12.37 -14.34
CA PHE A 283 6.15 -11.83 -14.59
C PHE A 283 6.55 -12.20 -16.02
N HIS A 284 6.25 -13.45 -16.40
CA HIS A 284 6.63 -13.90 -17.76
C HIS A 284 5.95 -13.06 -18.81
N GLU A 285 4.64 -12.88 -18.66
CA GLU A 285 3.86 -12.10 -19.63
C GLU A 285 4.34 -10.64 -19.76
N ILE A 286 4.62 -10.01 -18.63
CA ILE A 286 5.10 -8.63 -18.68
C ILE A 286 6.53 -8.57 -19.19
N ASN A 287 7.37 -9.46 -18.70
CA ASN A 287 8.77 -9.49 -19.07
C ASN A 287 8.90 -9.70 -20.56
N SER A 288 7.91 -10.36 -21.16
CA SER A 288 7.92 -10.59 -22.60
C SER A 288 7.52 -9.31 -23.31
N LYS A 289 6.42 -8.73 -22.87
CA LYS A 289 5.94 -7.48 -23.46
C LYS A 289 7.09 -6.48 -23.50
N TYR A 290 7.90 -6.45 -22.45
CA TYR A 290 9.05 -5.54 -22.37
C TYR A 290 10.29 -6.18 -22.98
#